data_5EIF
#
_entry.id   5EIF
#
_cell.length_a   60.920
_cell.length_b   184.870
_cell.length_c   51.420
_cell.angle_alpha   90.00
_cell.angle_beta   90.00
_cell.angle_gamma   90.00
#
_symmetry.space_group_name_H-M   'P 21 21 2'
#
loop_
_entity.id
_entity.type
_entity.pdbx_description
1 polymer 'Genome polyprotein'
2 non-polymer S-ADENOSYLMETHIONINE
3 non-polymer '2-azanyl-4-methyl-benzoic acid'
4 water water
#
_entity_poly.entity_id   1
_entity_poly.type   'polypeptide(L)'
_entity_poly.pdbx_seq_one_letter_code
;GTGSQGETLGEKWKKKLNQLSRKEFDLYKKSGITEVDRTEAKEGLKRGETTHHAVSRGSAKLQWFVERNMVIPEGRVIDL
GCGRGGWSYYCAGLKKVTEVRGYTKGGPGHEEPVPMSTYGWNIVKLMSGKDVFYLPPEKCDTLLCDIGESSPSPTVEESR
TIRVLKMVEPWLKNNQFCIKVLNPYMPTVIEHLERLQRKHGGMLVRNPLSRNSTHEMYWISNGTGNIVSSVNMVSRLLLN
RFTMTHRRPTIEKDVDLGAGTRHVNAEPETPNMDVI
;
_entity_poly.pdbx_strand_id   A,C
#
loop_
_chem_comp.id
_chem_comp.type
_chem_comp.name
_chem_comp.formula
4M0 non-polymer '2-azanyl-4-methyl-benzoic acid' 'C8 H9 N O2'
SAM non-polymer S-ADENOSYLMETHIONINE 'C15 H22 N6 O5 S'
#
# COMPACT_ATOMS: atom_id res chain seq x y z
N GLU A 7 13.34 -5.34 -29.19
CA GLU A 7 14.08 -4.68 -28.11
C GLU A 7 14.04 -3.17 -28.24
N THR A 8 13.71 -2.48 -27.14
CA THR A 8 13.60 -1.01 -27.15
C THR A 8 14.96 -0.35 -27.19
N LEU A 9 14.97 0.95 -27.55
CA LEU A 9 16.22 1.71 -27.52
C LEU A 9 16.73 1.77 -26.07
N GLY A 10 15.81 1.87 -25.10
CA GLY A 10 16.17 1.90 -23.67
C GLY A 10 16.92 0.65 -23.26
N GLU A 11 16.49 -0.50 -23.77
CA GLU A 11 17.19 -1.76 -23.49
C GLU A 11 18.60 -1.77 -24.09
N LYS A 12 18.79 -1.15 -25.29
CA LYS A 12 20.12 -1.07 -25.90
C LYS A 12 20.99 -0.18 -25.05
N TRP A 13 20.42 0.92 -24.57
CA TRP A 13 21.16 1.83 -23.69
C TRP A 13 21.63 1.08 -22.43
N LYS A 14 20.71 0.35 -21.78
CA LYS A 14 21.04 -0.35 -20.54
C LYS A 14 22.13 -1.41 -20.77
N LYS A 15 22.05 -2.12 -21.92
CA LYS A 15 23.06 -3.14 -22.20
C LYS A 15 24.44 -2.50 -22.37
N LYS A 16 24.49 -1.35 -23.06
CA LYS A 16 25.78 -0.68 -23.26
C LYS A 16 26.30 -0.14 -21.92
N LEU A 17 25.40 0.45 -21.10
CA LEU A 17 25.80 0.95 -19.79
C LEU A 17 26.43 -0.16 -18.94
N ASN A 18 25.84 -1.34 -19.00
CA ASN A 18 26.35 -2.50 -18.26
C ASN A 18 27.68 -3.04 -18.77
N GLN A 19 28.07 -2.66 -20.00
CA GLN A 19 29.35 -3.12 -20.56
C GLN A 19 30.51 -2.23 -20.11
N LEU A 20 30.20 -0.99 -19.66
CA LEU A 20 31.26 -0.06 -19.28
C LEU A 20 32.09 -0.51 -18.09
N SER A 21 33.38 -0.22 -18.14
CA SER A 21 34.25 -0.42 -16.98
C SER A 21 33.88 0.65 -15.95
N ARG A 22 34.33 0.50 -14.69
CA ARG A 22 34.04 1.55 -13.72
C ARG A 22 34.56 2.92 -14.18
N LYS A 23 35.78 2.96 -14.75
CA LYS A 23 36.38 4.21 -15.23
C LYS A 23 35.49 4.87 -16.31
N GLU A 24 35.05 4.06 -17.30
CA GLU A 24 34.16 4.50 -18.39
C GLU A 24 32.81 4.95 -17.84
N PHE A 25 32.25 4.18 -16.88
CA PHE A 25 30.98 4.53 -16.27
C PHE A 25 31.04 5.90 -15.58
N ASP A 26 32.11 6.10 -14.80
CA ASP A 26 32.31 7.34 -14.04
C ASP A 26 32.46 8.55 -14.99
N LEU A 27 33.09 8.36 -16.14
CA LEU A 27 33.22 9.45 -17.13
C LEU A 27 31.89 9.69 -17.86
N TYR A 28 31.14 8.62 -18.13
CA TYR A 28 29.86 8.74 -18.82
C TYR A 28 28.75 9.36 -17.98
N LYS A 29 28.63 8.96 -16.71
CA LYS A 29 27.45 9.30 -15.89
C LYS A 29 27.13 10.78 -15.78
N LYS A 30 28.14 11.66 -15.83
CA LYS A 30 27.86 13.11 -15.77
C LYS A 30 28.17 13.84 -17.08
N SER A 31 28.43 13.09 -18.18
CA SER A 31 28.80 13.72 -19.44
C SER A 31 27.68 14.53 -20.05
N GLY A 32 27.83 15.85 -20.09
CA GLY A 32 26.82 16.73 -20.67
C GLY A 32 25.60 16.97 -19.82
N ILE A 33 25.59 16.50 -18.55
CA ILE A 33 24.39 16.74 -17.73
C ILE A 33 24.52 18.13 -17.10
N THR A 34 23.49 18.54 -16.35
CA THR A 34 23.57 19.77 -15.59
C THR A 34 23.70 19.32 -14.14
N GLU A 35 24.42 20.12 -13.33
CA GLU A 35 24.48 19.82 -11.91
C GLU A 35 24.65 21.10 -11.12
N VAL A 36 24.18 21.11 -9.88
CA VAL A 36 24.40 22.26 -9.04
C VAL A 36 25.71 22.05 -8.28
N ASP A 37 26.38 23.17 -7.96
CA ASP A 37 27.62 23.14 -7.21
C ASP A 37 27.26 22.98 -5.72
N ARG A 38 27.49 21.77 -5.19
CA ARG A 38 27.16 21.43 -3.80
C ARG A 38 28.27 21.74 -2.79
N THR A 39 29.38 22.35 -3.24
CA THR A 39 30.52 22.60 -2.35
C THR A 39 30.15 23.30 -1.05
N GLU A 40 29.49 24.45 -1.17
CA GLU A 40 29.10 25.23 0.01
C GLU A 40 28.14 24.48 0.92
N ALA A 41 27.13 23.81 0.34
CA ALA A 41 26.14 23.12 1.19
C ALA A 41 26.81 21.96 1.92
N LYS A 42 27.68 21.20 1.21
CA LYS A 42 28.35 20.05 1.83
C LYS A 42 29.20 20.50 3.00
N GLU A 43 29.93 21.61 2.84
CA GLU A 43 30.78 22.15 3.89
C GLU A 43 29.94 22.61 5.10
N GLY A 44 28.80 23.28 4.83
CA GLY A 44 27.93 23.74 5.91
C GLY A 44 27.27 22.60 6.65
N LEU A 45 26.77 21.60 5.91
CA LEU A 45 26.13 20.42 6.49
C LEU A 45 27.13 19.63 7.35
N LYS A 46 28.39 19.54 6.91
CA LYS A 46 29.42 18.82 7.71
C LYS A 46 29.64 19.49 9.09
N ARG A 47 29.46 20.83 9.13
CA ARG A 47 29.61 21.63 10.34
C ARG A 47 28.32 21.66 11.17
N GLY A 48 27.25 21.02 10.70
CA GLY A 48 25.96 21.03 11.38
C GLY A 48 25.18 22.33 11.22
N GLU A 49 25.45 23.11 10.15
CA GLU A 49 24.69 24.33 9.92
C GLU A 49 23.28 23.90 9.48
N THR A 50 22.25 24.58 10.03
CA THR A 50 20.85 24.22 9.81
C THR A 50 20.08 25.22 9.00
N THR A 51 20.71 26.33 8.58
CA THR A 51 20.00 27.31 7.75
C THR A 51 20.64 27.37 6.37
N HIS A 52 19.86 27.84 5.37
CA HIS A 52 20.23 28.07 3.99
C HIS A 52 20.44 26.83 3.16
N HIS A 53 21.24 25.86 3.66
CA HIS A 53 21.60 24.72 2.84
C HIS A 53 20.48 23.75 2.52
N ALA A 54 20.48 23.27 1.27
CA ALA A 54 19.62 22.14 0.87
C ALA A 54 20.35 20.88 1.37
N VAL A 55 19.60 19.92 1.88
CA VAL A 55 20.21 18.72 2.46
C VAL A 55 20.71 17.74 1.41
N SER A 56 20.30 17.88 0.15
CA SER A 56 20.71 16.97 -0.91
C SER A 56 20.58 17.75 -2.23
N ARG A 57 20.94 17.09 -3.33
CA ARG A 57 20.73 17.65 -4.67
C ARG A 57 19.24 17.68 -5.02
N GLY A 58 18.42 17.01 -4.23
CA GLY A 58 17.00 16.90 -4.54
C GLY A 58 16.25 18.21 -4.53
N SER A 59 16.67 19.16 -3.67
CA SER A 59 15.95 20.44 -3.62
C SER A 59 16.06 21.14 -4.97
N ALA A 60 17.30 21.22 -5.55
CA ALA A 60 17.42 21.83 -6.87
C ALA A 60 16.70 21.02 -7.96
N LYS A 61 16.68 19.69 -7.83
CA LYS A 61 16.03 18.83 -8.81
C LYS A 61 14.54 19.09 -8.87
N LEU A 62 13.87 19.16 -7.69
CA LEU A 62 12.42 19.43 -7.73
C LEU A 62 12.17 20.91 -8.13
N GLN A 63 13.03 21.82 -7.65
CA GLN A 63 12.93 23.24 -8.01
C GLN A 63 12.91 23.39 -9.54
N TRP A 64 13.69 22.56 -10.25
CA TRP A 64 13.72 22.68 -11.72
C TRP A 64 12.30 22.50 -12.29
N PHE A 65 11.58 21.51 -11.79
CA PHE A 65 10.22 21.31 -12.29
C PHE A 65 9.27 22.40 -11.83
N VAL A 66 9.38 22.83 -10.55
CA VAL A 66 8.44 23.82 -10.01
C VAL A 66 8.58 25.14 -10.72
N GLU A 67 9.85 25.57 -10.93
CA GLU A 67 10.07 26.88 -11.60
C GLU A 67 9.64 26.91 -13.05
N ARG A 68 9.32 25.73 -13.62
CA ARG A 68 8.79 25.59 -14.99
C ARG A 68 7.28 25.28 -14.94
N ASN A 69 6.68 25.36 -13.73
CA ASN A 69 5.23 25.16 -13.53
C ASN A 69 4.75 23.77 -13.90
N MET A 70 5.68 22.80 -13.97
CA MET A 70 5.31 21.42 -14.29
C MET A 70 4.57 20.73 -13.13
N VAL A 71 4.93 21.10 -11.91
CA VAL A 71 4.24 20.78 -10.67
C VAL A 71 4.23 22.04 -9.84
N ILE A 72 3.08 22.40 -9.21
CA ILE A 72 3.02 23.64 -8.45
C ILE A 72 2.54 23.27 -7.05
N PRO A 73 3.49 22.95 -6.15
CA PRO A 73 3.10 22.50 -4.80
C PRO A 73 2.19 23.49 -4.10
N GLU A 74 1.22 22.95 -3.37
CA GLU A 74 0.24 23.76 -2.65
C GLU A 74 -0.43 22.93 -1.58
N GLY A 75 -1.03 23.60 -0.59
CA GLY A 75 -1.76 22.94 0.48
C GLY A 75 -0.95 21.90 1.21
N ARG A 76 -1.55 20.74 1.44
CA ARG A 76 -0.87 19.66 2.16
C ARG A 76 -0.06 18.85 1.15
N VAL A 77 1.28 18.85 1.31
CA VAL A 77 2.18 18.14 0.42
C VAL A 77 2.60 16.83 1.08
N ILE A 78 2.49 15.71 0.34
CA ILE A 78 3.02 14.41 0.77
C ILE A 78 4.26 14.14 -0.03
N ASP A 79 5.36 13.77 0.66
CA ASP A 79 6.62 13.51 -0.03
C ASP A 79 7.03 12.06 0.24
N LEU A 80 6.76 11.17 -0.71
CA LEU A 80 7.05 9.72 -0.56
C LEU A 80 8.48 9.41 -0.94
N GLY A 81 9.18 8.75 -0.04
CA GLY A 81 10.60 8.46 -0.22
C GLY A 81 11.39 9.74 -0.02
N CYS A 82 11.13 10.45 1.10
CA CYS A 82 11.77 11.75 1.28
C CYS A 82 13.27 11.70 1.52
N GLY A 83 13.82 10.54 1.93
CA GLY A 83 15.24 10.48 2.25
C GLY A 83 15.64 11.57 3.25
N ARG A 84 16.75 12.28 2.93
CA ARG A 84 17.25 13.37 3.75
C ARG A 84 16.24 14.49 3.89
N GLY A 85 15.37 14.67 2.86
CA GLY A 85 14.30 15.67 2.92
C GLY A 85 14.40 16.82 1.92
N GLY A 86 15.22 16.67 0.88
CA GLY A 86 15.43 17.79 -0.07
C GLY A 86 14.15 18.34 -0.69
N TRP A 87 13.24 17.45 -1.09
CA TRP A 87 11.98 17.93 -1.69
C TRP A 87 11.09 18.60 -0.65
N SER A 88 11.05 18.01 0.55
CA SER A 88 10.19 18.52 1.63
C SER A 88 10.62 19.90 2.07
N TYR A 89 11.92 20.09 2.34
CA TYR A 89 12.39 21.41 2.80
C TYR A 89 12.24 22.47 1.70
N TYR A 90 12.40 22.07 0.42
CA TYR A 90 12.20 23.05 -0.65
C TYR A 90 10.68 23.45 -0.66
N CYS A 91 9.75 22.46 -0.63
CA CYS A 91 8.31 22.78 -0.63
C CYS A 91 7.88 23.65 0.54
N ALA A 92 8.51 23.43 1.70
CA ALA A 92 8.18 24.18 2.92
C ALA A 92 8.28 25.69 2.78
N GLY A 93 9.08 26.17 1.82
CA GLY A 93 9.23 27.62 1.64
C GLY A 93 8.36 28.22 0.55
N LEU A 94 7.51 27.39 -0.10
CA LEU A 94 6.70 27.86 -1.24
C LEU A 94 5.42 28.51 -0.78
N LYS A 95 5.06 29.65 -1.38
CA LYS A 95 3.93 30.43 -0.86
C LYS A 95 2.62 29.65 -0.66
N LYS A 96 2.24 28.78 -1.62
CA LYS A 96 0.96 28.09 -1.52
C LYS A 96 0.96 26.88 -0.60
N VAL A 97 2.15 26.44 -0.13
CA VAL A 97 2.23 25.25 0.71
C VAL A 97 1.89 25.56 2.15
N THR A 98 1.05 24.69 2.78
CA THR A 98 0.66 24.91 4.16
C THR A 98 1.18 23.81 5.12
N GLU A 99 1.51 22.60 4.59
CA GLU A 99 1.95 21.49 5.43
C GLU A 99 2.74 20.55 4.57
N VAL A 100 3.85 20.00 5.10
CA VAL A 100 4.66 19.02 4.37
C VAL A 100 4.80 17.79 5.22
N ARG A 101 4.46 16.59 4.68
CA ARG A 101 4.61 15.34 5.45
C ARG A 101 5.49 14.43 4.56
N GLY A 102 6.70 14.09 5.03
CA GLY A 102 7.60 13.23 4.30
C GLY A 102 7.66 11.87 4.94
N TYR A 103 7.71 10.82 4.12
CA TYR A 103 7.83 9.43 4.60
C TYR A 103 9.04 8.79 3.95
N THR A 104 9.86 8.07 4.71
CA THR A 104 11.00 7.40 4.09
C THR A 104 11.32 6.17 4.89
N LYS A 105 11.93 5.20 4.22
CA LYS A 105 12.23 3.91 4.85
C LYS A 105 13.29 4.02 5.94
N GLY A 106 14.43 4.64 5.62
CA GLY A 106 15.50 4.74 6.60
C GLY A 106 16.09 3.38 6.95
N GLY A 107 16.91 3.34 7.99
CA GLY A 107 17.58 2.10 8.36
C GLY A 107 18.78 1.84 7.48
N PRO A 108 19.40 0.69 7.68
CA PRO A 108 20.60 0.33 6.89
C PRO A 108 20.35 0.40 5.41
N GLY A 109 21.26 1.05 4.69
CA GLY A 109 21.18 1.21 3.24
C GLY A 109 20.25 2.32 2.74
N HIS A 110 19.62 3.06 3.68
CA HIS A 110 18.70 4.13 3.31
C HIS A 110 19.02 5.42 4.06
N GLU A 111 18.68 6.56 3.45
N GLU A 111 18.95 6.58 3.41
CA GLU A 111 18.87 7.91 3.97
CA GLU A 111 19.25 7.82 4.13
C GLU A 111 17.96 8.25 5.14
C GLU A 111 18.15 8.14 5.17
N GLU A 112 18.53 8.81 6.24
CA GLU A 112 17.63 9.28 7.31
C GLU A 112 17.31 10.76 7.06
N PRO A 113 16.11 11.21 7.48
CA PRO A 113 15.82 12.65 7.42
C PRO A 113 16.89 13.43 8.20
N VAL A 114 17.24 14.61 7.65
CA VAL A 114 18.20 15.50 8.27
C VAL A 114 17.39 16.66 8.85
N PRO A 115 17.49 16.91 10.17
CA PRO A 115 16.74 18.04 10.75
C PRO A 115 17.36 19.35 10.31
N MET A 116 16.51 20.27 9.83
CA MET A 116 16.98 21.56 9.37
C MET A 116 16.09 22.67 9.87
N SER A 117 16.62 23.91 9.76
CA SER A 117 15.92 25.10 10.19
C SER A 117 15.78 26.08 9.01
N THR A 118 15.70 25.52 7.78
CA THR A 118 15.46 26.32 6.58
C THR A 118 14.05 26.90 6.63
N TYR A 119 13.77 27.91 5.77
CA TYR A 119 12.47 28.60 5.84
C TYR A 119 11.29 27.64 5.72
N GLY A 120 10.38 27.72 6.69
CA GLY A 120 9.20 26.88 6.73
C GLY A 120 9.41 25.55 7.41
N TRP A 121 10.56 25.35 8.10
CA TRP A 121 10.84 24.06 8.75
C TRP A 121 9.71 23.65 9.70
N ASN A 122 9.02 24.62 10.31
CA ASN A 122 8.00 24.30 11.30
C ASN A 122 6.74 23.65 10.69
N ILE A 123 6.61 23.66 9.37
CA ILE A 123 5.41 23.04 8.76
C ILE A 123 5.80 21.69 8.15
N VAL A 124 7.01 21.21 8.45
CA VAL A 124 7.50 19.95 7.92
C VAL A 124 7.54 18.90 9.02
N LYS A 125 7.12 17.67 8.68
CA LYS A 125 7.27 16.51 9.56
C LYS A 125 7.80 15.38 8.69
N LEU A 126 9.04 14.90 8.98
CA LEU A 126 9.66 13.83 8.22
C LEU A 126 9.64 12.60 9.08
N MET A 127 9.05 11.51 8.56
CA MET A 127 8.92 10.29 9.34
C MET A 127 9.66 9.16 8.71
N SER A 128 10.73 8.71 9.39
CA SER A 128 11.54 7.60 8.90
C SER A 128 10.97 6.28 9.47
N GLY A 129 11.55 5.17 9.04
CA GLY A 129 11.07 3.85 9.46
C GLY A 129 9.74 3.51 8.81
N LYS A 130 9.42 4.18 7.69
CA LYS A 130 8.14 3.99 6.99
C LYS A 130 8.34 3.47 5.57
N ASP A 131 7.89 2.25 5.32
CA ASP A 131 7.92 1.67 3.98
C ASP A 131 6.58 2.08 3.34
N VAL A 132 6.65 2.94 2.30
CA VAL A 132 5.44 3.47 1.69
C VAL A 132 4.57 2.38 1.05
N PHE A 133 5.13 1.20 0.74
CA PHE A 133 4.34 0.12 0.14
C PHE A 133 3.31 -0.45 1.14
N TYR A 134 3.42 -0.09 2.44
CA TYR A 134 2.45 -0.54 3.44
C TYR A 134 1.66 0.64 4.01
N LEU A 135 1.84 1.83 3.46
CA LEU A 135 1.12 3.00 3.96
C LEU A 135 -0.25 3.14 3.31
N PRO A 136 -1.37 3.32 4.06
CA PRO A 136 -2.65 3.60 3.41
C PRO A 136 -2.59 5.05 2.89
N PRO A 137 -3.25 5.35 1.77
CA PRO A 137 -3.22 6.73 1.25
C PRO A 137 -3.85 7.78 2.16
N GLU A 138 -3.33 9.01 2.07
CA GLU A 138 -3.83 10.13 2.86
C GLU A 138 -4.29 11.23 1.91
N LYS A 139 -5.28 12.03 2.37
CA LYS A 139 -5.73 13.19 1.59
C LYS A 139 -4.55 14.16 1.49
N CYS A 140 -4.30 14.71 0.29
CA CYS A 140 -3.25 15.71 0.11
C CYS A 140 -3.54 16.52 -1.13
N ASP A 141 -2.96 17.72 -1.19
CA ASP A 141 -3.14 18.58 -2.34
C ASP A 141 -2.02 18.45 -3.35
N THR A 142 -0.88 17.91 -2.90
CA THR A 142 0.27 17.68 -3.75
C THR A 142 0.83 16.32 -3.37
N LEU A 143 1.07 15.46 -4.37
CA LEU A 143 1.64 14.13 -4.12
C LEU A 143 3.00 14.08 -4.83
N LEU A 144 4.07 13.91 -4.05
CA LEU A 144 5.41 13.80 -4.57
C LEU A 144 5.93 12.41 -4.28
N CYS A 145 6.70 11.82 -5.23
CA CYS A 145 7.29 10.51 -4.96
C CYS A 145 8.59 10.42 -5.71
N ASP A 146 9.68 10.13 -5.00
CA ASP A 146 11.01 10.05 -5.61
C ASP A 146 11.65 8.68 -5.42
N ILE A 147 10.81 7.63 -5.40
CA ILE A 147 11.26 6.27 -5.18
C ILE A 147 11.53 5.55 -6.46
N GLY A 148 12.64 4.82 -6.44
CA GLY A 148 12.98 3.95 -7.55
C GLY A 148 14.45 3.69 -7.53
N GLU A 149 14.84 2.52 -6.97
CA GLU A 149 16.23 2.18 -6.80
C GLU A 149 16.80 1.54 -8.08
N SER A 150 17.89 2.11 -8.63
CA SER A 150 18.54 1.58 -9.85
C SER A 150 19.06 0.18 -9.60
N SER A 151 19.13 -0.59 -10.67
CA SER A 151 19.64 -1.95 -10.63
C SER A 151 20.27 -2.23 -11.96
N PRO A 152 21.37 -3.00 -11.99
CA PRO A 152 21.91 -3.39 -13.30
C PRO A 152 20.91 -4.23 -14.11
N SER A 153 19.93 -4.89 -13.44
CA SER A 153 18.91 -5.69 -14.13
C SER A 153 17.73 -4.81 -14.59
N PRO A 154 17.44 -4.63 -15.91
CA PRO A 154 16.26 -3.83 -16.25
C PRO A 154 14.95 -4.51 -15.85
N THR A 155 14.91 -5.89 -15.73
CA THR A 155 13.67 -6.55 -15.30
C THR A 155 13.40 -6.23 -13.80
N VAL A 156 14.48 -6.13 -12.98
CA VAL A 156 14.31 -5.71 -11.60
C VAL A 156 13.78 -4.25 -11.60
N GLU A 157 14.35 -3.39 -12.45
CA GLU A 157 13.89 -2.00 -12.52
C GLU A 157 12.46 -1.88 -13.00
N GLU A 158 12.06 -2.73 -13.96
CA GLU A 158 10.70 -2.78 -14.48
C GLU A 158 9.71 -3.09 -13.34
N SER A 159 10.00 -4.13 -12.53
CA SER A 159 9.20 -4.50 -11.38
C SER A 159 9.11 -3.33 -10.39
N ARG A 160 10.26 -2.72 -10.09
CA ARG A 160 10.26 -1.64 -9.12
C ARG A 160 9.43 -0.46 -9.60
N THR A 161 9.53 -0.15 -10.90
CA THR A 161 8.79 0.97 -11.50
C THR A 161 7.26 0.71 -11.46
N ILE A 162 6.83 -0.46 -11.93
CA ILE A 162 5.39 -0.81 -11.91
C ILE A 162 4.88 -0.79 -10.47
N ARG A 163 5.67 -1.32 -9.49
CA ARG A 163 5.22 -1.28 -8.12
C ARG A 163 4.97 0.15 -7.62
N VAL A 164 5.90 1.07 -7.98
CA VAL A 164 5.72 2.49 -7.62
C VAL A 164 4.44 3.01 -8.28
N LEU A 165 4.24 2.75 -9.60
CA LEU A 165 3.06 3.28 -10.31
C LEU A 165 1.73 2.79 -9.70
N LYS A 166 1.71 1.54 -9.25
CA LYS A 166 0.51 0.98 -8.66
C LYS A 166 0.28 1.56 -7.24
N MET A 167 1.37 1.80 -6.50
CA MET A 167 1.30 2.33 -5.13
C MET A 167 0.83 3.78 -5.13
N VAL A 168 1.32 4.61 -6.07
CA VAL A 168 0.97 6.02 -6.00
C VAL A 168 -0.45 6.33 -6.41
N GLU A 169 -1.03 5.50 -7.32
CA GLU A 169 -2.33 5.84 -7.89
C GLU A 169 -3.41 6.19 -6.85
N PRO A 170 -3.60 5.42 -5.77
CA PRO A 170 -4.62 5.80 -4.76
C PRO A 170 -4.39 7.13 -4.06
N TRP A 171 -3.15 7.69 -4.13
CA TRP A 171 -2.87 8.99 -3.52
C TRP A 171 -3.27 10.13 -4.45
N LEU A 172 -3.57 9.82 -5.75
CA LEU A 172 -3.91 10.80 -6.80
C LEU A 172 -5.40 11.02 -6.86
N LYS A 173 -5.81 12.24 -6.56
CA LYS A 173 -7.21 12.63 -6.47
C LYS A 173 -7.35 14.05 -6.97
N ASN A 174 -7.10 14.28 -8.28
N ASN A 174 -7.09 14.26 -8.29
CA ASN A 174 -7.21 15.63 -8.86
CA ASN A 174 -7.14 15.57 -8.93
C ASN A 174 -6.25 16.60 -8.12
C ASN A 174 -6.25 16.58 -8.14
N ASN A 175 -5.05 16.12 -7.77
CA ASN A 175 -4.04 16.92 -7.05
C ASN A 175 -2.81 17.16 -7.91
N GLN A 176 -1.94 18.06 -7.45
CA GLN A 176 -0.66 18.31 -8.12
C GLN A 176 0.23 17.09 -7.86
N PHE A 177 1.08 16.70 -8.81
CA PHE A 177 1.94 15.53 -8.53
C PHE A 177 3.26 15.58 -9.30
N CYS A 178 4.24 14.86 -8.81
CA CYS A 178 5.55 14.74 -9.46
C CYS A 178 6.07 13.40 -8.97
N ILE A 179 6.16 12.41 -9.86
CA ILE A 179 6.47 11.03 -9.49
C ILE A 179 7.60 10.50 -10.34
N LYS A 180 8.65 10.00 -9.68
CA LYS A 180 9.77 9.41 -10.42
C LYS A 180 9.31 8.09 -11.07
N VAL A 181 9.73 7.90 -12.33
CA VAL A 181 9.51 6.71 -13.11
C VAL A 181 10.92 6.21 -13.43
N LEU A 182 11.41 5.26 -12.62
CA LEU A 182 12.79 4.77 -12.71
C LEU A 182 13.14 4.25 -14.10
N ASN A 183 12.32 3.34 -14.62
CA ASN A 183 12.57 2.72 -15.92
C ASN A 183 11.32 2.88 -16.75
N PRO A 184 11.29 3.94 -17.59
CA PRO A 184 10.07 4.27 -18.30
C PRO A 184 10.00 3.62 -19.68
N TYR A 185 11.03 2.82 -20.09
CA TYR A 185 11.11 2.33 -21.46
C TYR A 185 10.58 0.92 -21.66
N MET A 186 10.41 0.15 -20.59
CA MET A 186 9.87 -1.20 -20.79
C MET A 186 8.41 -1.16 -21.26
N PRO A 187 8.01 -1.94 -22.30
CA PRO A 187 6.62 -1.87 -22.81
C PRO A 187 5.52 -2.02 -21.77
N THR A 188 5.75 -2.84 -20.71
CA THR A 188 4.73 -2.99 -19.65
C THR A 188 4.59 -1.66 -18.86
N VAL A 189 5.72 -0.97 -18.66
CA VAL A 189 5.65 0.33 -17.98
C VAL A 189 4.93 1.36 -18.84
N ILE A 190 5.24 1.40 -20.14
CA ILE A 190 4.58 2.34 -21.05
C ILE A 190 3.03 2.13 -21.02
N GLU A 191 2.59 0.88 -20.96
CA GLU A 191 1.17 0.54 -20.91
C GLU A 191 0.52 1.19 -19.67
N HIS A 192 1.18 1.03 -18.50
CA HIS A 192 0.68 1.61 -17.24
C HIS A 192 0.70 3.13 -17.31
N LEU A 193 1.82 3.70 -17.79
CA LEU A 193 1.88 5.17 -17.90
C LEU A 193 0.79 5.71 -18.81
N GLU A 194 0.51 5.04 -19.95
CA GLU A 194 -0.52 5.53 -20.84
C GLU A 194 -1.90 5.52 -20.18
N ARG A 195 -2.18 4.44 -19.42
CA ARG A 195 -3.42 4.29 -18.68
C ARG A 195 -3.51 5.40 -17.62
N LEU A 196 -2.42 5.59 -16.86
CA LEU A 196 -2.39 6.63 -15.83
C LEU A 196 -2.57 8.02 -16.41
N GLN A 197 -1.93 8.31 -17.56
CA GLN A 197 -2.08 9.63 -18.22
C GLN A 197 -3.55 9.81 -18.72
N ARG A 198 -4.17 8.75 -19.21
CA ARG A 198 -5.58 8.90 -19.67
C ARG A 198 -6.49 9.33 -18.50
N LYS A 199 -6.26 8.75 -17.32
CA LYS A 199 -7.05 9.02 -16.12
C LYS A 199 -6.67 10.32 -15.39
N HIS A 200 -5.37 10.54 -15.13
CA HIS A 200 -4.89 11.64 -14.31
C HIS A 200 -4.19 12.77 -15.05
N GLY A 201 -4.00 12.61 -16.35
CA GLY A 201 -3.37 13.65 -17.17
C GLY A 201 -1.87 13.71 -16.93
N GLY A 202 -1.30 14.89 -17.19
CA GLY A 202 0.13 15.08 -17.00
C GLY A 202 1.00 14.56 -18.12
N MET A 203 2.32 14.59 -17.89
CA MET A 203 3.26 14.19 -18.93
C MET A 203 4.56 13.71 -18.26
N LEU A 204 5.34 12.92 -18.98
CA LEU A 204 6.64 12.42 -18.51
C LEU A 204 7.71 13.38 -19.01
N VAL A 205 8.61 13.80 -18.12
CA VAL A 205 9.63 14.81 -18.41
C VAL A 205 11.02 14.36 -17.92
N ARG A 206 12.02 14.54 -18.75
CA ARG A 206 13.40 14.27 -18.39
C ARG A 206 14.02 15.53 -17.77
N ASN A 207 14.53 15.36 -16.53
CA ASN A 207 15.18 16.49 -15.84
C ASN A 207 16.66 16.57 -16.27
N PRO A 208 17.18 17.77 -16.67
CA PRO A 208 18.59 17.85 -17.07
C PRO A 208 19.57 17.54 -15.94
N LEU A 209 19.10 17.57 -14.67
CA LEU A 209 19.95 17.30 -13.51
C LEU A 209 20.08 15.81 -13.24
N SER A 210 19.35 14.98 -14.00
CA SER A 210 19.51 13.55 -13.84
C SER A 210 20.81 13.08 -14.47
N ARG A 211 21.44 12.05 -13.87
CA ARG A 211 22.69 11.51 -14.41
C ARG A 211 22.39 10.62 -15.64
N ASN A 212 23.37 10.46 -16.56
CA ASN A 212 23.14 9.61 -17.75
C ASN A 212 23.06 8.12 -17.39
N SER A 213 23.51 7.78 -16.19
CA SER A 213 23.49 6.41 -15.67
C SER A 213 22.09 5.94 -15.25
N THR A 214 21.08 6.84 -15.30
CA THR A 214 19.71 6.42 -15.04
C THR A 214 18.83 6.95 -16.18
N HIS A 215 17.80 6.16 -16.57
CA HIS A 215 16.87 6.58 -17.61
C HIS A 215 15.61 7.23 -16.97
N GLU A 216 15.67 7.51 -15.67
CA GLU A 216 14.55 8.07 -14.95
C GLU A 216 13.91 9.26 -15.66
N MET A 217 12.58 9.30 -15.63
CA MET A 217 11.84 10.48 -16.05
C MET A 217 10.78 10.70 -14.97
N TYR A 218 10.20 11.90 -14.90
CA TYR A 218 9.21 12.23 -13.87
C TYR A 218 7.86 12.47 -14.50
N TRP A 219 6.83 11.84 -13.94
CA TRP A 219 5.46 12.06 -14.34
C TRP A 219 4.98 13.25 -13.53
N ILE A 220 4.77 14.39 -14.23
CA ILE A 220 4.34 15.64 -13.60
C ILE A 220 2.89 15.94 -14.01
N SER A 221 2.16 16.64 -13.17
CA SER A 221 0.74 16.84 -13.45
C SER A 221 0.43 17.88 -14.48
N ASN A 222 1.27 18.93 -14.63
CA ASN A 222 0.93 20.06 -15.50
C ASN A 222 1.65 20.02 -16.83
N GLY A 223 1.12 19.23 -17.72
CA GLY A 223 1.68 19.08 -19.06
C GLY A 223 0.92 18.05 -19.84
N THR A 224 1.17 18.02 -21.15
CA THR A 224 0.54 17.05 -22.04
C THR A 224 1.63 16.63 -23.00
N GLY A 225 1.34 15.57 -23.71
CA GLY A 225 2.31 15.06 -24.66
C GLY A 225 2.27 13.57 -24.85
N ASN A 226 3.12 13.11 -25.75
CA ASN A 226 3.19 11.73 -26.16
C ASN A 226 4.29 11.04 -25.37
N ILE A 227 3.88 10.14 -24.47
CA ILE A 227 4.83 9.45 -23.59
C ILE A 227 5.83 8.64 -24.37
N VAL A 228 5.39 7.83 -25.33
CA VAL A 228 6.35 7.03 -26.11
C VAL A 228 7.43 7.93 -26.78
N SER A 229 7.02 9.02 -27.42
CA SER A 229 7.95 9.90 -28.11
C SER A 229 8.97 10.46 -27.11
N SER A 230 8.50 10.85 -25.91
CA SER A 230 9.39 11.46 -24.92
C SER A 230 10.39 10.45 -24.41
N VAL A 231 9.94 9.20 -24.26
CA VAL A 231 10.83 8.15 -23.77
C VAL A 231 11.90 7.81 -24.79
N ASN A 232 11.50 7.61 -26.06
CA ASN A 232 12.48 7.30 -27.10
C ASN A 232 13.47 8.46 -27.30
N MET A 233 13.01 9.74 -27.14
CA MET A 233 13.91 10.87 -27.28
C MET A 233 15.04 10.74 -26.21
N VAL A 234 14.65 10.37 -24.96
CA VAL A 234 15.66 10.20 -23.91
C VAL A 234 16.59 9.02 -24.23
N SER A 235 16.04 7.89 -24.70
CA SER A 235 16.91 6.76 -25.02
C SER A 235 17.94 7.18 -26.08
N ARG A 236 17.50 7.89 -27.13
CA ARG A 236 18.43 8.31 -28.16
C ARG A 236 19.45 9.30 -27.64
N LEU A 237 19.02 10.21 -26.73
CA LEU A 237 19.94 11.18 -26.14
C LEU A 237 21.04 10.46 -25.37
N LEU A 238 20.62 9.52 -24.49
CA LEU A 238 21.55 8.81 -23.64
C LEU A 238 22.45 7.87 -24.42
N LEU A 239 21.91 7.25 -25.51
CA LEU A 239 22.73 6.39 -26.35
C LEU A 239 23.78 7.25 -27.03
N ASN A 240 23.39 8.44 -27.53
CA ASN A 240 24.38 9.24 -28.24
C ASN A 240 25.49 9.76 -27.31
N ARG A 241 25.16 9.90 -26.00
CA ARG A 241 26.17 10.37 -25.05
C ARG A 241 27.29 9.33 -24.80
N PHE A 242 27.13 8.08 -25.30
CA PHE A 242 28.23 7.11 -25.23
C PHE A 242 29.27 7.37 -26.34
N THR A 243 28.87 8.07 -27.44
CA THR A 243 29.72 8.24 -28.62
C THR A 243 30.91 9.11 -28.36
N MET A 244 30.69 10.26 -27.71
CA MET A 244 31.77 11.24 -27.56
C MET A 244 32.47 11.23 -26.23
N THR A 245 33.68 11.85 -26.21
CA THR A 245 34.55 12.03 -25.05
C THR A 245 33.77 12.84 -24.03
N HIS A 246 34.02 12.60 -22.74
CA HIS A 246 33.37 13.27 -21.62
C HIS A 246 33.22 14.78 -21.79
N ARG A 247 31.98 15.25 -21.67
CA ARG A 247 31.68 16.66 -21.65
C ARG A 247 31.45 16.99 -20.18
N ARG A 248 32.30 17.85 -19.60
CA ARG A 248 32.12 18.23 -18.19
C ARG A 248 30.68 18.76 -18.00
N PRO A 249 30.07 18.49 -16.84
CA PRO A 249 28.66 18.92 -16.66
C PRO A 249 28.53 20.43 -16.61
N THR A 250 27.34 20.91 -17.01
CA THR A 250 27.02 22.33 -16.95
C THR A 250 26.74 22.64 -15.48
N ILE A 251 27.52 23.56 -14.88
CA ILE A 251 27.44 23.86 -13.45
C ILE A 251 26.51 24.99 -13.20
N GLU A 252 25.62 24.78 -12.21
CA GLU A 252 24.69 25.83 -11.83
C GLU A 252 24.78 26.06 -10.33
N LYS A 253 24.22 27.19 -9.88
CA LYS A 253 24.22 27.51 -8.48
C LYS A 253 23.18 26.62 -7.76
N ASP A 254 23.53 26.19 -6.56
CA ASP A 254 22.60 25.46 -5.70
C ASP A 254 21.58 26.43 -5.07
N VAL A 255 20.49 25.87 -4.49
CA VAL A 255 19.42 26.69 -3.92
C VAL A 255 19.70 27.12 -2.48
N ASP A 256 19.30 28.34 -2.16
CA ASP A 256 19.38 28.86 -0.80
C ASP A 256 17.95 28.78 -0.25
N LEU A 257 17.75 27.91 0.75
CA LEU A 257 16.44 27.71 1.35
C LEU A 257 16.14 28.60 2.57
N GLY A 258 17.04 29.56 2.82
CA GLY A 258 16.84 30.58 3.84
C GLY A 258 16.67 30.08 5.26
N ALA A 259 15.85 30.81 6.05
CA ALA A 259 15.68 30.50 7.47
C ALA A 259 14.34 31.06 7.94
N GLY A 260 13.90 30.67 9.13
CA GLY A 260 12.69 31.22 9.70
C GLY A 260 11.48 30.28 9.65
N THR A 261 10.46 30.65 10.40
CA THR A 261 9.23 29.90 10.49
C THR A 261 8.11 30.60 9.73
N ARG A 262 7.05 29.84 9.47
CA ARG A 262 5.87 30.43 8.82
C ARG A 262 4.54 29.94 9.40
N GLU B 7 -11.38 -19.76 -17.84
CA GLU B 7 -11.51 -20.43 -16.55
C GLU B 7 -10.31 -20.17 -15.66
N THR B 8 -10.59 -19.63 -14.48
CA THR B 8 -9.57 -19.25 -13.51
C THR B 8 -9.07 -20.45 -12.72
N LEU B 9 -7.89 -20.31 -12.12
CA LEU B 9 -7.36 -21.39 -11.32
C LEU B 9 -8.28 -21.66 -10.11
N GLY B 10 -8.85 -20.60 -9.54
CA GLY B 10 -9.78 -20.73 -8.41
C GLY B 10 -11.04 -21.50 -8.78
N GLU B 11 -11.54 -21.32 -10.03
CA GLU B 11 -12.72 -22.10 -10.48
C GLU B 11 -12.38 -23.57 -10.59
N LYS B 12 -11.09 -23.87 -10.94
CA LYS B 12 -10.63 -25.26 -11.09
C LYS B 12 -10.53 -25.88 -9.68
N TRP B 13 -10.11 -25.10 -8.69
CA TRP B 13 -10.08 -25.52 -7.30
C TRP B 13 -11.53 -25.77 -6.83
N LYS B 14 -12.46 -24.85 -7.17
CA LYS B 14 -13.86 -24.95 -6.73
C LYS B 14 -14.52 -26.23 -7.23
N LYS B 15 -14.30 -26.55 -8.50
CA LYS B 15 -14.82 -27.79 -9.10
C LYS B 15 -14.25 -29.03 -8.38
N LYS B 16 -12.94 -29.00 -8.03
CA LYS B 16 -12.36 -30.13 -7.31
C LYS B 16 -12.96 -30.25 -5.91
N LEU B 17 -13.15 -29.11 -5.22
CA LEU B 17 -13.73 -29.10 -3.86
C LEU B 17 -15.14 -29.68 -3.87
N ASN B 18 -15.94 -29.27 -4.87
CA ASN B 18 -17.33 -29.71 -5.02
C ASN B 18 -17.48 -31.21 -5.29
N GLN B 19 -16.39 -31.88 -5.77
CA GLN B 19 -16.41 -33.32 -6.07
C GLN B 19 -15.97 -34.18 -4.89
N LEU B 20 -15.48 -33.55 -3.80
CA LEU B 20 -15.03 -34.28 -2.61
C LEU B 20 -16.19 -34.87 -1.84
N SER B 21 -16.01 -36.09 -1.32
CA SER B 21 -17.00 -36.67 -0.44
C SER B 21 -16.91 -35.95 0.92
N ARG B 22 -17.89 -36.16 1.82
CA ARG B 22 -17.89 -35.56 3.16
C ARG B 22 -16.59 -35.88 3.92
N LYS B 23 -16.11 -37.13 3.80
CA LYS B 23 -14.89 -37.62 4.46
C LYS B 23 -13.64 -36.95 3.87
N GLU B 24 -13.55 -36.86 2.52
CA GLU B 24 -12.41 -36.23 1.82
C GLU B 24 -12.35 -34.75 2.17
N PHE B 25 -13.51 -34.09 2.24
CA PHE B 25 -13.65 -32.67 2.57
C PHE B 25 -13.13 -32.36 3.97
N ASP B 26 -13.63 -33.11 5.00
CA ASP B 26 -13.22 -32.89 6.39
C ASP B 26 -11.72 -33.04 6.59
N LEU B 27 -11.10 -34.00 5.87
CA LEU B 27 -9.65 -34.22 5.91
C LEU B 27 -8.93 -33.05 5.22
N TYR B 28 -9.42 -32.66 4.03
CA TYR B 28 -8.78 -31.59 3.29
C TYR B 28 -8.84 -30.23 3.99
N LYS B 29 -10.00 -29.87 4.55
CA LYS B 29 -10.20 -28.51 5.05
C LYS B 29 -9.19 -28.03 6.09
N LYS B 30 -8.58 -28.93 6.84
CA LYS B 30 -7.62 -28.52 7.86
C LYS B 30 -6.18 -28.88 7.51
N SER B 31 -5.92 -29.52 6.34
CA SER B 31 -4.56 -29.96 6.05
C SER B 31 -3.55 -28.81 5.92
N GLY B 32 -2.57 -28.78 6.82
CA GLY B 32 -1.52 -27.76 6.80
C GLY B 32 -1.93 -26.39 7.30
N ILE B 33 -3.16 -26.25 7.83
CA ILE B 33 -3.58 -24.91 8.28
C ILE B 33 -3.11 -24.61 9.70
N THR B 34 -3.29 -23.36 10.13
CA THR B 34 -3.06 -23.02 11.52
C THR B 34 -4.45 -22.93 12.14
N GLU B 35 -4.57 -23.36 13.41
CA GLU B 35 -5.83 -23.19 14.11
C GLU B 35 -5.60 -23.03 15.59
N VAL B 36 -6.48 -22.27 16.23
CA VAL B 36 -6.38 -22.13 17.67
C VAL B 36 -7.12 -23.26 18.36
N ASP B 37 -6.64 -23.63 19.57
CA ASP B 37 -7.30 -24.67 20.35
C ASP B 37 -8.48 -24.06 21.08
N ARG B 38 -9.70 -24.37 20.62
CA ARG B 38 -10.94 -23.81 21.20
C ARG B 38 -11.53 -24.69 22.29
N THR B 39 -10.83 -25.78 22.68
CA THR B 39 -11.33 -26.73 23.70
C THR B 39 -11.76 -26.02 24.99
N GLU B 40 -10.86 -25.23 25.60
CA GLU B 40 -11.14 -24.55 26.87
C GLU B 40 -12.23 -23.47 26.71
N ALA B 41 -12.19 -22.69 25.61
CA ALA B 41 -13.17 -21.63 25.36
C ALA B 41 -14.57 -22.19 25.15
N LYS B 42 -14.70 -23.27 24.34
CA LYS B 42 -16.02 -23.87 24.10
C LYS B 42 -16.65 -24.35 25.40
N GLU B 43 -15.86 -24.98 26.29
CA GLU B 43 -16.34 -25.45 27.60
C GLU B 43 -16.79 -24.27 28.45
N GLY B 44 -15.96 -23.22 28.48
CA GLY B 44 -16.25 -22.02 29.25
C GLY B 44 -17.53 -21.34 28.80
N LEU B 45 -17.68 -21.14 27.48
CA LEU B 45 -18.88 -20.54 26.88
C LEU B 45 -20.14 -21.37 27.18
N LYS B 46 -20.01 -22.69 27.13
CA LYS B 46 -21.09 -23.63 27.43
C LYS B 46 -21.57 -23.38 28.87
N ARG B 47 -20.62 -23.12 29.80
CA ARG B 47 -20.95 -22.85 31.21
C ARG B 47 -21.42 -21.40 31.48
N GLY B 48 -21.47 -20.56 30.45
CA GLY B 48 -21.88 -19.17 30.62
C GLY B 48 -20.78 -18.25 31.15
N GLU B 49 -19.50 -18.66 31.01
CA GLU B 49 -18.37 -17.83 31.44
C GLU B 49 -18.27 -16.69 30.46
N THR B 50 -18.10 -15.46 30.99
CA THR B 50 -18.05 -14.23 30.18
C THR B 50 -16.70 -13.52 30.18
N THR B 51 -15.69 -14.09 30.86
CA THR B 51 -14.34 -13.49 30.86
C THR B 51 -13.34 -14.38 30.13
N HIS B 52 -12.23 -13.76 29.64
CA HIS B 52 -11.10 -14.41 28.95
C HIS B 52 -11.44 -14.99 27.58
N HIS B 53 -12.52 -15.74 27.48
CA HIS B 53 -12.84 -16.42 26.21
C HIS B 53 -13.18 -15.54 25.05
N ALA B 54 -12.67 -15.92 23.88
CA ALA B 54 -13.12 -15.36 22.62
C ALA B 54 -14.44 -16.10 22.27
N VAL B 55 -15.41 -15.36 21.73
CA VAL B 55 -16.74 -15.96 21.44
C VAL B 55 -16.73 -16.86 20.21
N SER B 56 -15.67 -16.75 19.40
CA SER B 56 -15.54 -17.49 18.16
C SER B 56 -14.07 -17.54 17.77
N ARG B 57 -13.75 -18.25 16.69
CA ARG B 57 -12.41 -18.26 16.13
C ARG B 57 -12.04 -16.91 15.50
N GLY B 58 -13.02 -16.00 15.37
CA GLY B 58 -12.79 -14.72 14.73
C GLY B 58 -11.78 -13.84 15.44
N SER B 59 -11.76 -13.88 16.79
CA SER B 59 -10.84 -13.03 17.52
C SER B 59 -9.38 -13.34 17.11
N ALA B 60 -9.00 -14.63 17.17
CA ALA B 60 -7.64 -15.03 16.78
C ALA B 60 -7.36 -14.73 15.29
N LYS B 61 -8.39 -14.88 14.45
CA LYS B 61 -8.26 -14.63 13.01
C LYS B 61 -7.88 -13.16 12.80
N LEU B 62 -8.64 -12.21 13.40
CA LEU B 62 -8.33 -10.81 13.24
C LEU B 62 -6.96 -10.46 13.88
N GLN B 63 -6.65 -11.09 15.04
CA GLN B 63 -5.36 -10.84 15.69
C GLN B 63 -4.23 -11.12 14.71
N TRP B 64 -4.35 -12.20 13.90
CA TRP B 64 -3.28 -12.51 12.95
C TRP B 64 -2.94 -11.31 12.06
N PHE B 65 -3.98 -10.61 11.57
CA PHE B 65 -3.74 -9.43 10.74
C PHE B 65 -3.20 -8.24 11.57
N VAL B 66 -3.78 -8.01 12.76
CA VAL B 66 -3.43 -6.85 13.56
C VAL B 66 -1.99 -6.93 14.08
N GLU B 67 -1.53 -8.14 14.47
CA GLU B 67 -0.17 -8.25 15.00
C GLU B 67 0.91 -8.05 13.91
N ARG B 68 0.49 -8.06 12.62
CA ARG B 68 1.36 -7.84 11.47
C ARG B 68 1.10 -6.43 10.89
N ASN B 69 0.29 -5.61 11.61
CA ASN B 69 0.00 -4.23 11.19
C ASN B 69 -0.71 -4.15 9.82
N MET B 70 -1.45 -5.22 9.45
CA MET B 70 -2.17 -5.22 8.16
C MET B 70 -3.39 -4.32 8.24
N VAL B 71 -3.97 -4.27 9.43
CA VAL B 71 -5.02 -3.33 9.80
C VAL B 71 -4.68 -2.92 11.21
N ILE B 72 -4.80 -1.62 11.51
CA ILE B 72 -4.43 -1.10 12.83
C ILE B 72 -5.69 -0.51 13.43
N PRO B 73 -6.44 -1.28 14.21
CA PRO B 73 -7.71 -0.75 14.76
C PRO B 73 -7.47 0.42 15.69
N GLU B 74 -8.25 1.48 15.51
CA GLU B 74 -8.07 2.70 16.29
C GLU B 74 -9.36 3.49 16.26
N GLY B 75 -9.52 4.34 17.28
CA GLY B 75 -10.68 5.22 17.39
C GLY B 75 -12.02 4.52 17.31
N ARG B 76 -12.89 5.01 16.41
CA ARG B 76 -14.24 4.48 16.20
C ARG B 76 -14.20 3.31 15.23
N VAL B 77 -14.46 2.10 15.73
CA VAL B 77 -14.44 0.89 14.92
C VAL B 77 -15.86 0.47 14.60
N ILE B 78 -16.11 0.21 13.31
CA ILE B 78 -17.40 -0.31 12.85
C ILE B 78 -17.12 -1.73 12.42
N ASP B 79 -17.90 -2.70 12.95
CA ASP B 79 -17.71 -4.12 12.66
C ASP B 79 -18.96 -4.63 11.95
N LEU B 80 -18.91 -4.63 10.61
CA LEU B 80 -20.07 -5.06 9.82
C LEU B 80 -20.15 -6.59 9.76
N GLY B 81 -21.33 -7.13 10.06
CA GLY B 81 -21.54 -8.57 10.12
C GLY B 81 -20.82 -9.14 11.34
N CYS B 82 -21.04 -8.54 12.53
CA CYS B 82 -20.28 -8.95 13.72
C CYS B 82 -20.57 -10.38 14.20
N GLY B 83 -21.74 -10.95 13.85
CA GLY B 83 -22.09 -12.29 14.30
C GLY B 83 -22.05 -12.35 15.82
N ARG B 84 -21.38 -13.39 16.38
CA ARG B 84 -21.24 -13.54 17.84
C ARG B 84 -20.42 -12.38 18.47
N GLY B 85 -19.55 -11.73 17.68
CA GLY B 85 -18.78 -10.56 18.12
C GLY B 85 -17.27 -10.72 18.30
N GLY B 86 -16.69 -11.79 17.73
CA GLY B 86 -15.26 -12.07 17.91
C GLY B 86 -14.35 -10.92 17.54
N TRP B 87 -14.63 -10.24 16.41
CA TRP B 87 -13.80 -9.12 16.02
C TRP B 87 -13.98 -7.91 16.93
N SER B 88 -15.25 -7.66 17.34
CA SER B 88 -15.57 -6.52 18.20
C SER B 88 -14.95 -6.65 19.59
N TYR B 89 -15.06 -7.84 20.20
CA TYR B 89 -14.47 -8.02 21.52
C TYR B 89 -12.93 -8.01 21.49
N TYR B 90 -12.32 -8.46 20.37
CA TYR B 90 -10.85 -8.38 20.28
C TYR B 90 -10.45 -6.90 20.17
N CYS B 91 -11.11 -6.12 19.28
CA CYS B 91 -10.74 -4.71 19.13
C CYS B 91 -10.95 -3.92 20.41
N ALA B 92 -11.98 -4.31 21.22
CA ALA B 92 -12.26 -3.57 22.44
C ALA B 92 -11.12 -3.52 23.46
N GLY B 93 -10.19 -4.48 23.36
CA GLY B 93 -9.06 -4.51 24.29
C GLY B 93 -7.81 -3.80 23.79
N LEU B 94 -7.87 -3.20 22.57
CA LEU B 94 -6.71 -2.53 21.99
C LEU B 94 -6.63 -1.07 22.44
N LYS B 95 -5.43 -0.64 22.91
CA LYS B 95 -5.25 0.70 23.45
C LYS B 95 -5.76 1.83 22.56
N LYS B 96 -5.53 1.73 21.23
CA LYS B 96 -5.93 2.82 20.32
C LYS B 96 -7.43 2.93 20.06
N VAL B 97 -8.16 1.87 20.37
CA VAL B 97 -9.59 1.80 20.08
C VAL B 97 -10.42 2.52 21.15
N THR B 98 -11.36 3.35 20.74
CA THR B 98 -12.19 4.11 21.71
C THR B 98 -13.65 3.71 21.72
N GLU B 99 -14.15 3.09 20.64
CA GLU B 99 -15.56 2.69 20.55
C GLU B 99 -15.68 1.62 19.50
N VAL B 100 -16.48 0.59 19.77
CA VAL B 100 -16.72 -0.48 18.80
C VAL B 100 -18.21 -0.61 18.60
N ARG B 101 -18.66 -0.50 17.35
CA ARG B 101 -20.07 -0.70 17.05
C ARG B 101 -20.17 -1.85 16.05
N GLY B 102 -20.83 -2.92 16.48
CA GLY B 102 -21.00 -4.14 15.68
C GLY B 102 -22.42 -4.26 15.21
N TYR B 103 -22.59 -4.67 13.95
CA TYR B 103 -23.94 -4.81 13.40
C TYR B 103 -24.06 -6.17 12.78
N THR B 104 -25.17 -6.85 13.01
CA THR B 104 -25.37 -8.17 12.45
C THR B 104 -26.86 -8.44 12.22
N LYS B 105 -27.18 -9.24 11.22
CA LYS B 105 -28.57 -9.55 10.84
C LYS B 105 -29.32 -10.27 11.94
N GLY B 106 -28.72 -11.32 12.49
CA GLY B 106 -29.39 -12.15 13.49
C GLY B 106 -30.59 -12.85 12.86
N GLY B 107 -31.44 -13.41 13.71
CA GLY B 107 -32.62 -14.11 13.22
C GLY B 107 -32.38 -15.59 12.95
N PRO B 108 -33.39 -16.31 12.45
CA PRO B 108 -33.23 -17.75 12.23
C PRO B 108 -32.05 -18.15 11.32
N GLY B 109 -31.24 -19.09 11.79
CA GLY B 109 -30.09 -19.61 11.08
C GLY B 109 -28.88 -18.68 11.02
N HIS B 110 -28.91 -17.58 11.78
CA HIS B 110 -27.84 -16.59 11.80
C HIS B 110 -27.32 -16.38 13.20
N GLU B 111 -26.02 -16.12 13.33
N GLU B 111 -26.01 -16.17 13.35
CA GLU B 111 -25.38 -15.92 14.62
CA GLU B 111 -25.43 -15.99 14.67
C GLU B 111 -25.93 -14.69 15.34
C GLU B 111 -25.92 -14.72 15.35
N GLU B 112 -26.14 -14.80 16.66
CA GLU B 112 -26.58 -13.67 17.45
C GLU B 112 -25.38 -13.17 18.27
N PRO B 113 -25.31 -11.86 18.60
CA PRO B 113 -24.20 -11.39 19.45
C PRO B 113 -24.23 -12.11 20.80
N VAL B 114 -23.03 -12.46 21.32
CA VAL B 114 -22.85 -13.13 22.62
C VAL B 114 -22.40 -12.07 23.58
N PRO B 115 -23.18 -11.78 24.66
CA PRO B 115 -22.73 -10.75 25.61
C PRO B 115 -21.52 -11.30 26.36
N MET B 116 -20.49 -10.49 26.53
CA MET B 116 -19.30 -10.90 27.25
C MET B 116 -18.82 -9.78 28.16
N SER B 117 -17.90 -10.12 29.06
N SER B 117 -17.90 -10.12 29.06
CA SER B 117 -17.26 -9.19 29.97
CA SER B 117 -17.28 -9.15 29.94
C SER B 117 -15.74 -9.24 29.84
C SER B 117 -15.75 -9.19 29.82
N THR B 118 -15.25 -9.49 28.59
CA THR B 118 -13.83 -9.50 28.27
C THR B 118 -13.32 -8.05 28.36
N TYR B 119 -12.01 -7.89 28.46
CA TYR B 119 -11.44 -6.56 28.63
C TYR B 119 -11.93 -5.55 27.62
N GLY B 120 -12.47 -4.44 28.11
CA GLY B 120 -12.99 -3.39 27.24
C GLY B 120 -14.41 -3.60 26.75
N TRP B 121 -15.12 -4.60 27.30
CA TRP B 121 -16.50 -4.90 26.85
C TRP B 121 -17.42 -3.65 26.88
N ASN B 122 -17.18 -2.70 27.79
CA ASN B 122 -18.04 -1.50 27.96
C ASN B 122 -18.02 -0.55 26.76
N ILE B 123 -16.95 -0.61 25.94
CA ILE B 123 -16.88 0.28 24.77
C ILE B 123 -17.48 -0.37 23.52
N VAL B 124 -18.09 -1.56 23.66
CA VAL B 124 -18.70 -2.33 22.57
C VAL B 124 -20.20 -2.20 22.61
N LYS B 125 -20.83 -2.00 21.45
CA LYS B 125 -22.29 -2.09 21.33
C LYS B 125 -22.51 -2.99 20.14
N LEU B 126 -23.10 -4.18 20.37
CA LEU B 126 -23.42 -5.13 19.29
C LEU B 126 -24.91 -5.04 19.05
N MET B 127 -25.30 -4.73 17.80
CA MET B 127 -26.71 -4.59 17.45
C MET B 127 -27.09 -5.67 16.49
N SER B 128 -28.07 -6.46 16.90
CA SER B 128 -28.62 -7.52 16.05
C SER B 128 -29.83 -6.93 15.32
N GLY B 129 -30.35 -7.68 14.36
CA GLY B 129 -31.52 -7.28 13.56
C GLY B 129 -31.22 -6.14 12.61
N LYS B 130 -29.93 -5.98 12.28
CA LYS B 130 -29.45 -4.89 11.42
C LYS B 130 -28.89 -5.43 10.14
N ASP B 131 -29.50 -5.05 9.01
CA ASP B 131 -29.03 -5.39 7.68
C ASP B 131 -28.07 -4.27 7.27
N VAL B 132 -26.78 -4.60 7.15
CA VAL B 132 -25.80 -3.54 6.84
C VAL B 132 -25.98 -2.97 5.46
N PHE B 133 -26.76 -3.65 4.58
CA PHE B 133 -26.98 -3.08 3.25
C PHE B 133 -27.82 -1.83 3.32
N TYR B 134 -28.51 -1.63 4.45
CA TYR B 134 -29.34 -0.45 4.73
C TYR B 134 -28.74 0.52 5.75
N LEU B 135 -27.50 0.31 6.20
CA LEU B 135 -26.88 1.17 7.19
C LEU B 135 -26.14 2.33 6.48
N PRO B 136 -26.61 3.59 6.59
CA PRO B 136 -25.90 4.67 5.90
C PRO B 136 -24.49 4.79 6.46
N PRO B 137 -23.48 4.88 5.56
CA PRO B 137 -22.10 5.08 6.00
C PRO B 137 -21.95 6.27 6.94
N GLU B 138 -21.18 6.04 8.01
CA GLU B 138 -20.88 7.00 9.07
C GLU B 138 -19.38 7.20 9.10
N LYS B 139 -18.96 8.33 9.70
CA LYS B 139 -17.55 8.59 9.89
C LYS B 139 -17.04 7.53 10.89
N CYS B 140 -15.91 6.89 10.58
CA CYS B 140 -15.27 5.90 11.43
C CYS B 140 -13.80 5.85 11.14
N ASP B 141 -13.01 5.40 12.11
CA ASP B 141 -11.55 5.34 11.95
C ASP B 141 -11.11 3.98 11.46
N THR B 142 -11.92 2.93 11.73
CA THR B 142 -11.63 1.57 11.29
C THR B 142 -12.91 0.95 10.79
N LEU B 143 -12.88 0.42 9.57
CA LEU B 143 -14.02 -0.25 8.99
C LEU B 143 -13.67 -1.74 8.84
N LEU B 144 -14.43 -2.59 9.53
CA LEU B 144 -14.23 -4.04 9.47
C LEU B 144 -15.48 -4.67 8.88
N CYS B 145 -15.28 -5.69 8.05
CA CYS B 145 -16.42 -6.37 7.47
C CYS B 145 -16.05 -7.81 7.24
N ASP B 146 -16.84 -8.73 7.84
CA ASP B 146 -16.55 -10.16 7.75
C ASP B 146 -17.76 -10.91 7.25
N ILE B 147 -18.32 -10.47 6.12
CA ILE B 147 -19.52 -11.03 5.53
C ILE B 147 -19.21 -11.77 4.22
N GLY B 148 -19.84 -12.93 4.05
CA GLY B 148 -19.77 -13.69 2.82
C GLY B 148 -20.16 -15.12 3.05
N GLU B 149 -21.35 -15.49 2.56
CA GLU B 149 -21.88 -16.84 2.76
C GLU B 149 -21.43 -17.73 1.60
N SER B 150 -20.73 -18.84 1.90
N SER B 150 -20.73 -18.84 1.90
CA SER B 150 -20.25 -19.81 0.92
CA SER B 150 -20.30 -19.77 0.85
C SER B 150 -21.40 -20.54 0.22
C SER B 150 -21.49 -20.36 0.12
N SER B 151 -21.19 -20.89 -1.06
CA SER B 151 -22.14 -21.60 -1.91
C SER B 151 -21.32 -22.55 -2.78
N PRO B 152 -21.84 -23.75 -3.11
CA PRO B 152 -21.14 -24.61 -4.09
C PRO B 152 -21.05 -23.91 -5.45
N SER B 153 -21.93 -22.92 -5.71
CA SER B 153 -21.92 -22.16 -6.95
C SER B 153 -20.99 -20.95 -6.86
N PRO B 154 -19.90 -20.91 -7.67
CA PRO B 154 -19.03 -19.71 -7.65
C PRO B 154 -19.71 -18.48 -8.23
N THR B 155 -20.77 -18.64 -9.09
CA THR B 155 -21.50 -17.49 -9.65
C THR B 155 -22.38 -16.86 -8.57
N VAL B 156 -22.97 -17.70 -7.70
CA VAL B 156 -23.72 -17.23 -6.53
C VAL B 156 -22.74 -16.46 -5.63
N GLU B 157 -21.54 -17.03 -5.38
CA GLU B 157 -20.56 -16.34 -4.54
C GLU B 157 -20.08 -15.03 -5.13
N GLU B 158 -19.92 -14.96 -6.46
CA GLU B 158 -19.51 -13.76 -7.19
C GLU B 158 -20.54 -12.65 -6.90
N SER B 159 -21.84 -12.97 -7.04
CA SER B 159 -22.93 -12.03 -6.78
C SER B 159 -22.87 -11.52 -5.34
N ARG B 160 -22.70 -12.44 -4.38
CA ARG B 160 -22.62 -12.09 -2.96
C ARG B 160 -21.40 -11.21 -2.66
N THR B 161 -20.23 -11.54 -3.27
CA THR B 161 -18.99 -10.81 -3.03
C THR B 161 -19.12 -9.38 -3.60
N ILE B 162 -19.59 -9.25 -4.86
CA ILE B 162 -19.74 -7.93 -5.48
C ILE B 162 -20.69 -7.06 -4.67
N ARG B 163 -21.76 -7.68 -4.16
CA ARG B 163 -22.72 -6.91 -3.36
C ARG B 163 -22.05 -6.35 -2.10
N VAL B 164 -21.21 -7.14 -1.42
CA VAL B 164 -20.49 -6.66 -0.24
C VAL B 164 -19.50 -5.53 -0.66
N LEU B 165 -18.76 -5.74 -1.77
CA LEU B 165 -17.78 -4.74 -2.22
C LEU B 165 -18.43 -3.40 -2.52
N LYS B 166 -19.62 -3.43 -3.13
CA LYS B 166 -20.34 -2.17 -3.42
C LYS B 166 -20.83 -1.49 -2.13
N MET B 167 -21.21 -2.31 -1.13
CA MET B 167 -21.68 -1.81 0.15
C MET B 167 -20.53 -1.18 0.98
N VAL B 168 -19.35 -1.83 1.04
CA VAL B 168 -18.30 -1.27 1.88
C VAL B 168 -17.70 0.03 1.33
N GLU B 169 -17.63 0.17 -0.01
CA GLU B 169 -16.92 1.26 -0.65
C GLU B 169 -17.25 2.63 -0.03
N PRO B 170 -18.53 3.04 0.14
CA PRO B 170 -18.76 4.40 0.67
C PRO B 170 -18.38 4.61 2.15
N TRP B 171 -18.00 3.54 2.89
CA TRP B 171 -17.51 3.66 4.26
C TRP B 171 -16.02 4.00 4.30
N LEU B 172 -15.32 3.82 3.16
CA LEU B 172 -13.87 3.96 3.08
C LEU B 172 -13.49 5.40 2.73
N LYS B 173 -12.89 6.06 3.71
CA LYS B 173 -12.55 7.47 3.63
C LYS B 173 -11.21 7.69 4.30
N ASN B 174 -10.10 7.24 3.67
CA ASN B 174 -8.75 7.38 4.25
C ASN B 174 -8.72 6.87 5.71
N ASN B 175 -9.27 5.67 5.91
CA ASN B 175 -9.34 5.03 7.21
C ASN B 175 -8.79 3.62 7.13
N GLN B 176 -8.62 3.01 8.29
CA GLN B 176 -8.12 1.65 8.35
C GLN B 176 -9.25 0.70 7.98
N PHE B 177 -8.96 -0.43 7.33
CA PHE B 177 -10.02 -1.38 7.00
C PHE B 177 -9.50 -2.82 6.85
N CYS B 178 -10.43 -3.77 7.02
CA CYS B 178 -10.14 -5.19 6.85
C CYS B 178 -11.47 -5.81 6.44
N ILE B 179 -11.56 -6.24 5.16
CA ILE B 179 -12.83 -6.68 4.60
C ILE B 179 -12.73 -8.08 3.98
N LYS B 180 -13.64 -9.00 4.35
CA LYS B 180 -13.62 -10.33 3.76
C LYS B 180 -14.07 -10.25 2.31
N VAL B 181 -13.31 -10.95 1.43
CA VAL B 181 -13.68 -11.09 0.02
C VAL B 181 -13.89 -12.61 -0.10
N LEU B 182 -15.16 -13.02 0.00
CA LEU B 182 -15.56 -14.42 -0.02
C LEU B 182 -14.95 -15.17 -1.20
N ASN B 183 -15.17 -14.63 -2.40
CA ASN B 183 -14.70 -15.27 -3.62
C ASN B 183 -13.92 -14.22 -4.40
N PRO B 184 -12.58 -14.28 -4.29
CA PRO B 184 -11.76 -13.24 -4.93
C PRO B 184 -11.25 -13.63 -6.32
N TYR B 185 -11.55 -14.88 -6.77
CA TYR B 185 -10.99 -15.39 -8.02
C TYR B 185 -11.87 -15.20 -9.24
N MET B 186 -13.19 -14.94 -9.03
CA MET B 186 -14.07 -14.78 -10.20
C MET B 186 -13.66 -13.52 -10.97
N PRO B 187 -13.57 -13.61 -12.32
CA PRO B 187 -13.11 -12.46 -13.12
C PRO B 187 -13.80 -11.12 -12.81
N THR B 188 -15.14 -11.11 -12.64
CA THR B 188 -15.81 -9.82 -12.36
C THR B 188 -15.42 -9.30 -10.94
N VAL B 189 -15.12 -10.20 -9.99
CA VAL B 189 -14.70 -9.77 -8.67
C VAL B 189 -13.31 -9.13 -8.78
N ILE B 190 -12.39 -9.78 -9.52
CA ILE B 190 -11.04 -9.21 -9.71
C ILE B 190 -11.14 -7.79 -10.31
N GLU B 191 -12.03 -7.62 -11.32
CA GLU B 191 -12.21 -6.31 -11.95
C GLU B 191 -12.66 -5.27 -10.91
N HIS B 192 -13.62 -5.62 -10.05
CA HIS B 192 -14.10 -4.71 -9.00
C HIS B 192 -12.99 -4.40 -8.01
N LEU B 193 -12.23 -5.44 -7.59
CA LEU B 193 -11.10 -5.25 -6.67
C LEU B 193 -10.03 -4.33 -7.22
N GLU B 194 -9.68 -4.52 -8.51
CA GLU B 194 -8.67 -3.69 -9.18
C GLU B 194 -9.10 -2.21 -9.10
N ARG B 195 -10.37 -1.94 -9.39
CA ARG B 195 -10.92 -0.58 -9.37
C ARG B 195 -10.88 -0.02 -7.94
N LEU B 196 -11.28 -0.84 -6.96
CA LEU B 196 -11.29 -0.42 -5.55
C LEU B 196 -9.88 -0.11 -5.05
N GLN B 197 -8.91 -0.96 -5.42
CA GLN B 197 -7.51 -0.76 -5.04
C GLN B 197 -6.93 0.54 -5.69
N ARG B 198 -7.32 0.86 -6.95
CA ARG B 198 -6.80 2.08 -7.58
C ARG B 198 -7.33 3.31 -6.86
N LYS B 199 -8.52 3.18 -6.25
CA LYS B 199 -9.14 4.30 -5.54
C LYS B 199 -8.70 4.43 -4.09
N HIS B 200 -8.74 3.30 -3.34
CA HIS B 200 -8.55 3.27 -1.89
C HIS B 200 -7.24 2.64 -1.40
N GLY B 201 -6.51 2.01 -2.31
CA GLY B 201 -5.27 1.34 -1.94
C GLY B 201 -5.54 0.04 -1.22
N GLY B 202 -4.56 -0.39 -0.47
CA GLY B 202 -4.65 -1.62 0.29
C GLY B 202 -4.28 -2.79 -0.59
N MET B 203 -4.42 -4.01 -0.06
CA MET B 203 -4.06 -5.24 -0.77
CA MET B 203 -4.05 -5.22 -0.75
C MET B 203 -4.87 -6.40 -0.22
N LEU B 204 -4.94 -7.51 -0.98
CA LEU B 204 -5.64 -8.71 -0.55
C LEU B 204 -4.60 -9.62 0.10
N VAL B 205 -4.96 -10.20 1.25
CA VAL B 205 -4.08 -11.08 2.01
C VAL B 205 -4.84 -12.36 2.39
N ARG B 206 -4.10 -13.48 2.42
CA ARG B 206 -4.64 -14.78 2.85
C ARG B 206 -4.25 -15.01 4.31
N ASN B 207 -5.23 -15.32 5.14
CA ASN B 207 -5.00 -15.61 6.55
C ASN B 207 -4.72 -17.12 6.69
N PRO B 208 -3.61 -17.54 7.36
CA PRO B 208 -3.33 -18.98 7.48
C PRO B 208 -4.31 -19.71 8.41
N LEU B 209 -5.15 -18.95 9.14
CA LEU B 209 -6.16 -19.54 10.00
C LEU B 209 -7.44 -19.82 9.19
N SER B 210 -7.48 -19.39 7.92
CA SER B 210 -8.61 -19.71 7.07
C SER B 210 -8.52 -21.21 6.75
N ARG B 211 -9.65 -21.89 6.62
CA ARG B 211 -9.65 -23.30 6.21
C ARG B 211 -9.39 -23.45 4.71
N ASN B 212 -8.92 -24.64 4.29
CA ASN B 212 -8.63 -24.86 2.87
C ASN B 212 -9.93 -24.95 2.06
N SER B 213 -11.06 -25.10 2.75
CA SER B 213 -12.38 -25.23 2.14
C SER B 213 -12.95 -23.89 1.66
N THR B 214 -12.29 -22.77 1.99
CA THR B 214 -12.71 -21.45 1.52
C THR B 214 -11.52 -20.75 0.84
N HIS B 215 -11.80 -20.00 -0.24
CA HIS B 215 -10.75 -19.26 -0.95
C HIS B 215 -10.75 -17.81 -0.46
N GLU B 216 -11.43 -17.56 0.67
CA GLU B 216 -11.54 -16.20 1.14
C GLU B 216 -10.19 -15.50 1.32
N MET B 217 -10.16 -14.21 1.00
CA MET B 217 -9.00 -13.36 1.25
C MET B 217 -9.55 -12.08 1.83
N TYR B 218 -8.70 -11.32 2.49
CA TYR B 218 -9.15 -10.09 3.13
C TYR B 218 -8.47 -8.91 2.51
N TRP B 219 -9.28 -7.89 2.20
CA TRP B 219 -8.76 -6.66 1.66
C TRP B 219 -8.43 -5.78 2.88
N ILE B 220 -7.13 -5.54 3.10
CA ILE B 220 -6.60 -4.75 4.21
C ILE B 220 -6.05 -3.43 3.71
N SER B 221 -6.17 -2.39 4.53
CA SER B 221 -5.77 -1.06 4.07
C SER B 221 -4.26 -0.84 3.90
N ASN B 222 -3.45 -1.55 4.66
CA ASN B 222 -2.03 -1.25 4.77
C ASN B 222 -1.18 -2.14 3.90
N GLY B 223 -1.18 -1.83 2.64
CA GLY B 223 -0.43 -2.65 1.71
C GLY B 223 -0.72 -2.27 0.28
N THR B 224 0.08 -2.85 -0.60
CA THR B 224 0.03 -2.65 -2.04
C THR B 224 0.39 -3.97 -2.62
N GLY B 225 0.19 -4.10 -3.92
CA GLY B 225 0.58 -5.33 -4.58
C GLY B 225 -0.34 -5.69 -5.72
N ASN B 226 -0.03 -6.78 -6.41
CA ASN B 226 -0.79 -7.21 -7.55
C ASN B 226 -1.87 -8.19 -7.08
N ILE B 227 -3.15 -7.77 -7.18
CA ILE B 227 -4.30 -8.58 -6.74
C ILE B 227 -4.37 -9.91 -7.49
N VAL B 228 -4.24 -9.87 -8.84
CA VAL B 228 -4.28 -11.07 -9.68
C VAL B 228 -3.24 -12.09 -9.21
N SER B 229 -2.00 -11.65 -9.00
CA SER B 229 -0.93 -12.55 -8.57
C SER B 229 -1.21 -13.16 -7.18
N SER B 230 -1.66 -12.33 -6.21
CA SER B 230 -1.96 -12.80 -4.85
C SER B 230 -3.09 -13.84 -4.85
N VAL B 231 -4.13 -13.60 -5.68
CA VAL B 231 -5.25 -14.54 -5.79
C VAL B 231 -4.77 -15.85 -6.38
N ASN B 232 -4.02 -15.77 -7.50
CA ASN B 232 -3.51 -16.99 -8.13
C ASN B 232 -2.58 -17.79 -7.20
N MET B 233 -1.80 -17.11 -6.33
CA MET B 233 -0.93 -17.84 -5.42
C MET B 233 -1.76 -18.66 -4.41
N VAL B 234 -2.87 -18.07 -3.93
CA VAL B 234 -3.78 -18.80 -3.01
C VAL B 234 -4.37 -20.02 -3.77
N SER B 235 -4.85 -19.82 -5.02
CA SER B 235 -5.42 -20.94 -5.78
C SER B 235 -4.38 -22.06 -5.89
N ARG B 236 -3.11 -21.71 -6.19
CA ARG B 236 -2.05 -22.71 -6.32
C ARG B 236 -1.80 -23.43 -5.00
N LEU B 237 -1.77 -22.67 -3.90
CA LEU B 237 -1.59 -23.25 -2.57
C LEU B 237 -2.70 -24.26 -2.23
N LEU B 238 -3.97 -23.86 -2.42
CA LEU B 238 -5.11 -24.72 -2.13
C LEU B 238 -5.18 -25.94 -3.01
N LEU B 239 -4.77 -25.80 -4.29
CA LEU B 239 -4.75 -26.97 -5.17
C LEU B 239 -3.69 -27.98 -4.74
N ASN B 240 -2.50 -27.49 -4.34
CA ASN B 240 -1.42 -28.41 -3.91
C ASN B 240 -1.83 -29.11 -2.62
N ARG B 241 -2.64 -28.45 -1.78
CA ARG B 241 -3.09 -29.08 -0.54
C ARG B 241 -4.06 -30.23 -0.73
N PHE B 242 -4.68 -30.38 -1.93
CA PHE B 242 -5.53 -31.55 -2.14
C PHE B 242 -4.69 -32.82 -2.13
N THR B 243 -3.49 -32.75 -2.78
CA THR B 243 -2.63 -33.92 -3.04
C THR B 243 -1.46 -34.11 -2.10
N MET B 244 -0.96 -33.03 -1.48
CA MET B 244 0.17 -33.18 -0.56
C MET B 244 -0.19 -34.10 0.62
N THR B 245 0.80 -34.83 1.16
CA THR B 245 0.57 -35.70 2.31
C THR B 245 -0.17 -34.89 3.40
N HIS B 246 -1.25 -35.45 3.97
CA HIS B 246 -2.01 -34.77 5.01
C HIS B 246 -1.11 -34.32 6.17
N ARG B 247 -1.26 -33.05 6.57
CA ARG B 247 -0.53 -32.50 7.70
C ARG B 247 -1.57 -32.04 8.71
N ARG B 248 -1.47 -32.54 9.95
CA ARG B 248 -2.38 -32.14 11.02
C ARG B 248 -2.21 -30.63 11.18
N PRO B 249 -3.29 -29.88 11.47
CA PRO B 249 -3.11 -28.42 11.58
C PRO B 249 -2.12 -28.04 12.68
N THR B 250 -1.46 -26.88 12.49
CA THR B 250 -0.55 -26.29 13.46
C THR B 250 -1.46 -25.66 14.53
N ILE B 251 -1.36 -26.16 15.76
CA ILE B 251 -2.24 -25.72 16.85
C ILE B 251 -1.57 -24.65 17.69
N GLU B 252 -2.28 -23.53 17.89
CA GLU B 252 -1.80 -22.41 18.68
C GLU B 252 -2.78 -22.15 19.81
N LYS B 253 -2.29 -21.55 20.89
CA LYS B 253 -3.16 -21.18 22.00
C LYS B 253 -4.10 -20.07 21.52
N ASP B 254 -5.37 -20.18 21.89
CA ASP B 254 -6.37 -19.16 21.55
C ASP B 254 -6.09 -17.87 22.33
N VAL B 255 -6.69 -16.77 21.90
CA VAL B 255 -6.52 -15.48 22.53
C VAL B 255 -7.10 -15.49 23.92
N ASP B 256 -6.47 -14.72 24.83
CA ASP B 256 -7.02 -14.53 26.16
C ASP B 256 -7.41 -13.07 26.16
N LEU B 257 -8.75 -12.81 26.15
CA LEU B 257 -9.23 -11.45 26.03
C LEU B 257 -9.46 -10.76 27.36
N GLY B 258 -8.96 -11.36 28.44
CA GLY B 258 -8.98 -10.72 29.74
C GLY B 258 -10.35 -10.47 30.33
N ALA B 259 -10.43 -9.47 31.19
CA ALA B 259 -11.66 -9.16 31.92
C ALA B 259 -11.68 -7.72 32.32
N GLY B 260 -12.87 -7.20 32.54
CA GLY B 260 -13.02 -5.86 33.09
C GLY B 260 -13.29 -4.75 32.12
N THR B 261 -13.70 -3.61 32.68
CA THR B 261 -13.98 -2.42 31.88
C THR B 261 -12.70 -1.65 31.58
N ARG B 262 -12.78 -0.77 30.59
CA ARG B 262 -11.74 0.19 30.23
C ARG B 262 -12.22 1.57 30.60
N SAM C . 13.82 13.49 -3.01
CA SAM C . 14.87 13.19 -1.99
C SAM C . 15.65 14.45 -1.62
O SAM C . 15.34 15.51 -2.24
OXT SAM C . 16.53 14.37 -0.74
CB SAM C . 15.78 12.06 -2.50
CG SAM C . 14.94 10.75 -2.47
SD SAM C . 15.95 9.33 -2.88
CE SAM C . 16.10 9.41 -4.63
C5' SAM C . 14.70 8.03 -2.75
C4' SAM C . 14.48 7.71 -1.25
O4' SAM C . 13.41 6.73 -1.20
C3' SAM C . 15.70 7.07 -0.58
O3' SAM C . 16.11 7.87 0.53
C2' SAM C . 15.20 5.67 -0.17
O2' SAM C . 15.68 5.31 1.13
C1' SAM C . 13.69 5.88 -0.11
N9 SAM C . 12.91 4.67 -0.26
C8 SAM C . 13.17 3.60 -1.07
N7 SAM C . 12.26 2.65 -1.03
C5 SAM C . 11.35 3.11 -0.10
C6 SAM C . 10.15 2.57 0.42
N6 SAM C . 9.74 1.32 0.15
N1 SAM C . 9.46 3.31 1.31
C2 SAM C . 9.94 4.50 1.69
N3 SAM C . 11.08 5.10 1.30
C4 SAM C . 11.74 4.36 0.39
OAC 4M0 D . 13.86 0.55 12.49
CAH 4M0 D . 14.05 1.55 11.75
OAD 4M0 D . 14.71 1.34 10.60
CAK 4M0 D . 13.62 2.90 12.09
CAF 4M0 D . 12.51 3.01 12.98
CAE 4M0 D . 12.04 4.27 13.33
CAI 4M0 D . 12.70 5.42 12.83
CAA 4M0 D . 12.19 6.81 13.21
CAG 4M0 D . 13.78 5.34 11.97
CAJ 4M0 D . 14.27 4.06 11.56
NAB 4M0 D . 15.36 4.03 10.69
N SAM E . -16.15 -11.64 12.62
CA SAM E . -17.12 -12.59 13.25
C SAM E . -16.55 -13.07 14.60
O SAM E . -15.36 -12.81 14.83
OXT SAM E . -17.32 -13.71 15.35
CB SAM E . -17.34 -13.80 12.35
CG SAM E . -18.05 -13.47 11.03
SD SAM E . -19.79 -13.53 11.37
CE SAM E . -20.11 -15.28 11.25
C5' SAM E . -20.47 -12.96 9.78
C4' SAM E . -21.94 -12.60 10.01
O4' SAM E . -22.45 -11.67 9.04
C3' SAM E . -22.95 -13.75 10.08
O3' SAM E . -23.23 -14.00 11.46
C2' SAM E . -24.15 -13.24 9.28
O2' SAM E . -25.40 -13.43 9.94
C1' SAM E . -23.86 -11.74 9.17
N9 SAM E . -24.45 -11.08 8.01
C8 SAM E . -24.61 -11.58 6.75
N7 SAM E . -25.21 -10.76 5.92
C5 SAM E . -25.49 -9.64 6.70
C6 SAM E . -26.12 -8.42 6.42
N6 SAM E . -26.68 -8.12 5.24
N1 SAM E . -26.19 -7.50 7.42
C2 SAM E . -25.68 -7.81 8.62
N3 SAM E . -25.10 -8.95 9.00
C4 SAM E . -25.02 -9.83 7.99
#